data_7THB
#
_entry.id   7THB
#
_cell.length_a   37.025
_cell.length_b   43.586
_cell.length_c   52.182
_cell.angle_alpha   92.056
_cell.angle_beta   103.722
_cell.angle_gamma   99.952
#
_symmetry.space_group_name_H-M   'P 1'
#
loop_
_entity.id
_entity.type
_entity.pdbx_description
1 polymer "DNA (5'-D(*GP*TP*AP*AP*GP*CP*AP*GP*CP*AP*TP*C)-3')"
2 polymer "RNA (5'-R(*AP*GP*CP*UP*UP*AP*C)-3')"
3 polymer "DNA (5'-D(*GP*AP*TP*GP*CP*TP*C)-3')"
4 water water
#
loop_
_entity_poly.entity_id
_entity_poly.type
_entity_poly.pdbx_seq_one_letter_code
_entity_poly.pdbx_strand_id
1 'polydeoxyribonucleotide' (DG)(DT)(DA)(DA)(DG)(DC)(DA)(DG)(DC)(DA)(DT)(DC) A,D,G
2 'polyribonucleotide' AGCUUAC B,E,H
3 'polydeoxyribonucleotide' (DG)(DA)(DT)(DG)(DC)(DT)(DC) C,F,I
#
loop_
_chem_comp.id
_chem_comp.type
_chem_comp.name
_chem_comp.formula
A RNA linking ADENOSINE-5'-MONOPHOSPHATE 'C10 H14 N5 O7 P'
C RNA linking CYTIDINE-5'-MONOPHOSPHATE 'C9 H14 N3 O8 P'
DA DNA linking 2'-DEOXYADENOSINE-5'-MONOPHOSPHATE 'C10 H14 N5 O6 P'
DC DNA linking 2'-DEOXYCYTIDINE-5'-MONOPHOSPHATE 'C9 H14 N3 O7 P'
DG DNA linking 2'-DEOXYGUANOSINE-5'-MONOPHOSPHATE 'C10 H14 N5 O7 P'
DT DNA linking THYMIDINE-5'-MONOPHOSPHATE 'C10 H15 N2 O8 P'
G RNA linking GUANOSINE-5'-MONOPHOSPHATE 'C10 H14 N5 O8 P'
U RNA linking URIDINE-5'-MONOPHOSPHATE 'C9 H13 N2 O9 P'
#